data_9RXG
#
_entry.id   9RXG
#
_cell.length_a   64.774
_cell.length_b   79.118
_cell.length_c   109.856
_cell.angle_alpha   90.000
_cell.angle_beta   90.000
_cell.angle_gamma   90.000
#
_symmetry.space_group_name_H-M   'P 21 21 21'
#
loop_
_entity.id
_entity.type
_entity.pdbx_description
1 polymer 'Hemoglobin subunit alpha'
2 polymer 'Hemoglobin subunit beta'
3 non-polymer 'PROTOPORPHYRIN IX CONTAINING FE'
4 water water
#
loop_
_entity_poly.entity_id
_entity_poly.type
_entity_poly.pdbx_seq_one_letter_code
_entity_poly.pdbx_strand_id
1 'polypeptide(L)'
;VLSAADKGNVKAAWGKVGGHAAEYGAEALERMFLSFPTTKTYFPHFDLSHGSAQVKGHGAKVAAALTKAVEHLDDLPGAL
SELSDLHAHKLRVDPVNFKLLSHSLLVTLASHLPSDFTPAVHASLDKFLANVSTVLTSKY
;
A,C
2 'polypeptide(L)'
;MLTAEEKAAVTAFWGKVKVDEVGGEALGRLLVVYPWTQRFFESFGDLSTADAVMNNPKVKAHGKKVLDSFSNGMKHLDDL
KGTFAALSELHCDKLHVDPENFKLLGNVLVVVLARNFGKEFTPVLQADFQKVVAGVANALAHRYH
;
B,D
#
loop_
_chem_comp.id
_chem_comp.type
_chem_comp.name
_chem_comp.formula
HEM non-polymer 'PROTOPORPHYRIN IX CONTAINING FE' 'C34 H32 Fe N4 O4'
#
# COMPACT_ATOMS: atom_id res chain seq x y z
N LEU A 2 8.57 17.48 -0.81
CA LEU A 2 10.03 17.56 -0.94
C LEU A 2 10.65 18.79 -0.27
N SER A 3 11.56 18.53 0.65
CA SER A 3 12.29 19.56 1.35
C SER A 3 13.38 20.15 0.44
N ALA A 4 14.00 21.23 0.92
CA ALA A 4 15.11 21.82 0.17
C ALA A 4 16.27 20.84 0.07
N ALA A 5 16.53 20.09 1.15
CA ALA A 5 17.60 19.09 1.12
C ALA A 5 17.26 17.94 0.19
N ASP A 6 15.98 17.55 0.13
CA ASP A 6 15.56 16.51 -0.80
C ASP A 6 15.76 16.95 -2.24
N LYS A 7 15.27 18.15 -2.58
CA LYS A 7 15.46 18.67 -3.93
C LYS A 7 16.94 18.74 -4.29
N GLY A 8 17.78 19.19 -3.35
CA GLY A 8 19.20 19.27 -3.63
C GLY A 8 19.82 17.91 -3.91
N ASN A 9 19.38 16.88 -3.19
CA ASN A 9 19.90 15.54 -3.46
C ASN A 9 19.42 15.02 -4.81
N VAL A 10 18.17 15.30 -5.17
CA VAL A 10 17.64 14.81 -6.43
C VAL A 10 18.36 15.44 -7.61
N LYS A 11 18.48 16.77 -7.61
CA LYS A 11 19.18 17.45 -8.70
C LYS A 11 20.62 16.97 -8.82
N ALA A 12 21.28 16.72 -7.68
CA ALA A 12 22.65 16.24 -7.72
C ALA A 12 22.72 14.83 -8.28
N ALA A 13 21.82 13.95 -7.85
CA ALA A 13 21.84 12.56 -8.31
C ALA A 13 21.52 12.47 -9.79
N TRP A 14 20.55 13.26 -10.27
CA TRP A 14 20.22 13.24 -11.68
C TRP A 14 21.32 13.85 -12.54
N GLY A 15 22.16 14.70 -11.97
CA GLY A 15 23.30 15.20 -12.71
C GLY A 15 24.34 14.13 -12.98
N LYS A 16 24.59 13.26 -11.98
CA LYS A 16 25.50 12.15 -12.20
C LYS A 16 24.95 11.18 -13.23
N VAL A 17 23.63 11.07 -13.34
CA VAL A 17 23.02 10.25 -14.39
C VAL A 17 23.39 10.81 -15.77
N GLY A 18 23.08 12.09 -15.99
CA GLY A 18 23.53 12.77 -17.19
C GLY A 18 22.96 12.15 -18.45
N GLY A 19 23.85 11.91 -19.42
CA GLY A 19 23.51 11.30 -20.68
C GLY A 19 23.17 9.83 -20.63
N HIS A 20 23.14 9.22 -19.45
CA HIS A 20 22.76 7.82 -19.32
C HIS A 20 21.31 7.65 -18.88
N ALA A 21 20.53 8.72 -18.89
CA ALA A 21 19.14 8.64 -18.44
C ALA A 21 18.34 7.63 -19.25
N ALA A 22 18.31 7.81 -20.58
CA ALA A 22 17.59 6.88 -21.44
C ALA A 22 18.10 5.45 -21.25
N GLU A 23 19.41 5.29 -21.15
CA GLU A 23 19.99 3.96 -20.93
C GLU A 23 19.52 3.36 -19.61
N TYR A 24 19.44 4.19 -18.55
CA TYR A 24 18.99 3.69 -17.26
C TYR A 24 17.49 3.45 -17.25
N GLY A 25 16.72 4.33 -17.90
CA GLY A 25 15.28 4.15 -17.95
C GLY A 25 14.87 2.89 -18.68
N ALA A 26 15.62 2.49 -19.70
CA ALA A 26 15.34 1.21 -20.37
C ALA A 26 15.63 0.04 -19.45
N GLU A 27 16.75 0.09 -18.72
CA GLU A 27 17.07 -0.99 -17.79
C GLU A 27 16.05 -1.12 -16.69
N ALA A 28 15.62 0.02 -16.11
CA ALA A 28 14.64 0.00 -15.04
C ALA A 28 13.34 -0.65 -15.51
N LEU A 29 12.96 -0.41 -16.77
CA LEU A 29 11.80 -1.11 -17.33
C LEU A 29 12.07 -2.61 -17.45
N GLU A 30 13.24 -2.97 -17.98
CA GLU A 30 13.55 -4.39 -18.13
C GLU A 30 13.61 -5.09 -16.79
N ARG A 31 14.03 -4.38 -15.73
CA ARG A 31 14.02 -4.96 -14.39
C ARG A 31 12.60 -5.09 -13.86
N MET A 32 11.74 -4.09 -14.12
CA MET A 32 10.34 -4.19 -13.73
C MET A 32 9.67 -5.41 -14.35
N PHE A 33 9.78 -5.53 -15.68
CA PHE A 33 9.06 -6.58 -16.39
C PHE A 33 9.51 -7.96 -15.94
N LEU A 34 10.79 -8.12 -15.60
CA LEU A 34 11.27 -9.42 -15.15
C LEU A 34 10.88 -9.69 -13.70
N SER A 35 11.03 -8.69 -12.82
CA SER A 35 10.74 -8.90 -11.41
C SER A 35 9.24 -8.99 -11.14
N PHE A 36 8.44 -8.22 -11.87
CA PHE A 36 7.00 -8.10 -11.62
C PHE A 36 6.28 -8.32 -12.94
N PRO A 37 6.06 -9.58 -13.31
CA PRO A 37 5.53 -9.87 -14.65
C PRO A 37 4.12 -9.35 -14.88
N THR A 38 3.38 -9.04 -13.83
CA THR A 38 2.04 -8.49 -14.03
C THR A 38 2.08 -7.12 -14.68
N THR A 39 3.19 -6.38 -14.54
CA THR A 39 3.31 -5.08 -15.20
C THR A 39 3.34 -5.23 -16.71
N LYS A 40 3.64 -6.43 -17.22
CA LYS A 40 3.71 -6.64 -18.66
C LYS A 40 2.36 -6.43 -19.32
N THR A 41 1.26 -6.67 -18.59
CA THR A 41 -0.08 -6.58 -19.15
C THR A 41 -0.44 -5.18 -19.62
N TYR A 42 0.32 -4.16 -19.21
CA TYR A 42 0.08 -2.81 -19.72
C TYR A 42 0.73 -2.56 -21.07
N PHE A 43 1.68 -3.42 -21.49
CA PHE A 43 2.38 -3.29 -22.76
C PHE A 43 2.17 -4.53 -23.62
N PRO A 44 0.93 -4.86 -23.97
CA PRO A 44 0.70 -6.07 -24.78
C PRO A 44 1.18 -5.93 -26.22
N HIS A 45 1.29 -4.70 -26.72
CA HIS A 45 1.80 -4.46 -28.07
C HIS A 45 3.32 -4.46 -28.12
N PHE A 46 3.99 -4.26 -26.99
CA PHE A 46 5.45 -4.28 -26.95
C PHE A 46 5.96 -5.71 -27.02
N ASP A 47 7.07 -5.88 -27.74
CA ASP A 47 7.93 -7.04 -27.53
C ASP A 47 8.81 -6.73 -26.33
N LEU A 48 8.77 -7.58 -25.31
CA LEU A 48 9.44 -7.29 -24.05
C LEU A 48 10.69 -8.14 -23.85
N SER A 49 11.19 -8.79 -24.89
CA SER A 49 12.43 -9.52 -24.79
C SER A 49 13.60 -8.56 -24.57
N HIS A 50 14.72 -9.13 -24.15
CA HIS A 50 15.90 -8.31 -23.88
C HIS A 50 16.41 -7.72 -25.19
N GLY A 51 16.72 -6.42 -25.18
CA GLY A 51 17.19 -5.75 -26.36
C GLY A 51 16.11 -5.25 -27.29
N SER A 52 14.86 -5.27 -26.86
CA SER A 52 13.76 -4.80 -27.70
C SER A 52 13.83 -3.30 -27.90
N ALA A 53 13.61 -2.87 -29.14
CA ALA A 53 13.65 -1.44 -29.43
C ALA A 53 12.48 -0.70 -28.79
N GLN A 54 11.37 -1.38 -28.56
CA GLN A 54 10.23 -0.74 -27.89
C GLN A 54 10.52 -0.49 -26.42
N VAL A 55 11.21 -1.43 -25.75
CA VAL A 55 11.60 -1.20 -24.36
C VAL A 55 12.65 -0.11 -24.27
N LYS A 56 13.62 -0.12 -25.20
CA LYS A 56 14.62 0.94 -25.25
C LYS A 56 13.97 2.30 -25.50
N GLY A 57 13.06 2.36 -26.49
CA GLY A 57 12.41 3.62 -26.80
C GLY A 57 11.60 4.16 -25.64
N HIS A 58 10.79 3.29 -25.02
CA HIS A 58 9.93 3.75 -23.93
C HIS A 58 10.74 4.17 -22.71
N GLY A 59 11.86 3.48 -22.46
CA GLY A 59 12.73 3.88 -21.36
C GLY A 59 13.31 5.27 -21.55
N ALA A 60 13.50 5.68 -22.80
CA ALA A 60 13.97 7.04 -23.06
C ALA A 60 12.89 8.07 -22.76
N LYS A 61 11.65 7.78 -23.16
CA LYS A 61 10.55 8.70 -22.87
C LYS A 61 10.31 8.81 -21.38
N VAL A 62 10.44 7.69 -20.66
CA VAL A 62 10.30 7.71 -19.21
C VAL A 62 11.40 8.54 -18.56
N ALA A 63 12.64 8.36 -19.01
CA ALA A 63 13.74 9.14 -18.45
C ALA A 63 13.61 10.62 -18.80
N ALA A 64 13.14 10.92 -20.01
CA ALA A 64 12.91 12.31 -20.39
C ALA A 64 11.85 12.94 -19.51
N ALA A 65 10.82 12.17 -19.14
CA ALA A 65 9.79 12.69 -18.24
C ALA A 65 10.37 12.94 -16.85
N LEU A 66 11.27 12.09 -16.39
CA LEU A 66 11.87 12.28 -15.08
C LEU A 66 12.80 13.49 -15.07
N THR A 67 13.54 13.70 -16.16
CA THR A 67 14.37 14.89 -16.28
C THR A 67 13.53 16.16 -16.28
N LYS A 68 12.39 16.13 -16.99
CA LYS A 68 11.46 17.25 -16.94
C LYS A 68 10.98 17.50 -15.52
N ALA A 69 10.76 16.42 -14.75
CA ALA A 69 10.31 16.56 -13.37
C ALA A 69 11.42 17.08 -12.46
N VAL A 70 12.68 16.73 -12.76
CA VAL A 70 13.79 17.23 -11.95
C VAL A 70 13.97 18.72 -12.16
N GLU A 71 13.83 19.19 -13.40
CA GLU A 71 13.95 20.61 -13.71
C GLU A 71 12.74 21.42 -13.26
N HIS A 72 11.64 20.77 -12.88
CA HIS A 72 10.44 21.44 -12.41
C HIS A 72 9.98 20.84 -11.09
N LEU A 73 10.91 20.76 -10.14
CA LEU A 73 10.62 20.11 -8.87
C LEU A 73 9.60 20.90 -8.06
N ASP A 74 9.56 22.21 -8.23
CA ASP A 74 8.62 23.05 -7.50
C ASP A 74 7.20 22.96 -8.05
N ASP A 75 7.03 22.48 -9.28
CA ASP A 75 5.72 22.37 -9.91
C ASP A 75 5.61 21.04 -10.66
N LEU A 76 5.71 19.94 -9.92
CA LEU A 76 5.48 18.64 -10.53
C LEU A 76 4.10 18.50 -11.15
N PRO A 77 2.99 18.94 -10.51
CA PRO A 77 1.69 18.82 -11.20
C PRO A 77 1.63 19.56 -12.51
N GLY A 78 2.30 20.71 -12.62
CA GLY A 78 2.29 21.43 -13.88
C GLY A 78 3.19 20.83 -14.93
N ALA A 79 4.33 20.27 -14.50
CA ALA A 79 5.24 19.65 -15.45
C ALA A 79 4.75 18.29 -15.94
N LEU A 80 3.88 17.62 -15.18
CA LEU A 80 3.44 16.26 -15.49
C LEU A 80 1.93 16.15 -15.61
N SER A 81 1.21 17.28 -15.76
CA SER A 81 -0.23 17.21 -15.95
C SER A 81 -0.58 16.42 -17.21
N GLU A 82 0.25 16.52 -18.24
CA GLU A 82 -0.02 15.81 -19.48
C GLU A 82 0.05 14.30 -19.26
N LEU A 83 1.07 13.83 -18.55
CA LEU A 83 1.23 12.40 -18.33
C LEU A 83 0.27 11.90 -17.26
N SER A 84 -0.14 12.76 -16.33
CA SER A 84 -1.12 12.36 -15.33
C SER A 84 -2.45 12.02 -15.98
N ASP A 85 -2.89 12.84 -16.94
CA ASP A 85 -4.10 12.52 -17.69
C ASP A 85 -3.97 11.19 -18.42
N LEU A 86 -2.76 10.90 -18.94
CA LEU A 86 -2.55 9.68 -19.71
C LEU A 86 -2.65 8.45 -18.83
N HIS A 87 -1.95 8.46 -17.69
CA HIS A 87 -1.86 7.26 -16.85
C HIS A 87 -3.09 7.03 -16.00
N ALA A 88 -3.91 8.06 -15.77
CA ALA A 88 -5.09 7.93 -14.91
C ALA A 88 -6.36 7.69 -15.73
N HIS A 89 -6.72 8.64 -16.59
CA HIS A 89 -7.96 8.50 -17.36
C HIS A 89 -7.81 7.47 -18.47
N LYS A 90 -6.78 7.61 -19.30
CA LYS A 90 -6.66 6.80 -20.51
C LYS A 90 -6.17 5.39 -20.18
N LEU A 91 -5.01 5.27 -19.53
CA LEU A 91 -4.41 3.97 -19.26
C LEU A 91 -4.98 3.30 -18.02
N ARG A 92 -5.42 4.08 -17.03
CA ARG A 92 -5.98 3.55 -15.79
CA ARG A 92 -5.98 3.55 -15.79
C ARG A 92 -5.00 2.58 -15.12
N VAL A 93 -3.76 3.03 -14.97
CA VAL A 93 -2.72 2.19 -14.39
C VAL A 93 -2.96 2.02 -12.90
N ASP A 94 -2.90 0.78 -12.43
CA ASP A 94 -3.09 0.51 -11.02
C ASP A 94 -1.97 1.18 -10.22
N PRO A 95 -2.30 1.90 -9.14
CA PRO A 95 -1.25 2.64 -8.41
C PRO A 95 -0.14 1.77 -7.86
N VAL A 96 -0.42 0.49 -7.58
CA VAL A 96 0.63 -0.40 -7.08
C VAL A 96 1.78 -0.47 -8.08
N ASN A 97 1.50 -0.25 -9.37
CA ASN A 97 2.51 -0.45 -10.39
C ASN A 97 3.57 0.64 -10.33
N PHE A 98 3.19 1.85 -9.88
CA PHE A 98 4.18 2.92 -9.75
C PHE A 98 5.19 2.62 -8.65
N LYS A 99 4.77 1.96 -7.57
CA LYS A 99 5.73 1.52 -6.57
C LYS A 99 6.70 0.52 -7.16
N LEU A 100 6.24 -0.34 -8.06
CA LEU A 100 7.10 -1.34 -8.66
C LEU A 100 8.14 -0.70 -9.58
N LEU A 101 7.72 0.31 -10.35
CA LEU A 101 8.68 0.99 -11.24
C LEU A 101 9.68 1.80 -10.43
N SER A 102 9.22 2.51 -9.40
CA SER A 102 10.13 3.31 -8.59
C SER A 102 11.17 2.44 -7.91
N HIS A 103 10.76 1.26 -7.46
CA HIS A 103 11.74 0.32 -6.91
C HIS A 103 12.74 -0.12 -7.97
N SER A 104 12.25 -0.45 -9.17
CA SER A 104 13.13 -0.85 -10.26
C SER A 104 14.09 0.28 -10.64
N LEU A 105 13.65 1.54 -10.55
CA LEU A 105 14.55 2.65 -10.83
C LEU A 105 15.62 2.78 -9.76
N LEU A 106 15.25 2.62 -8.49
CA LEU A 106 16.22 2.72 -7.41
C LEU A 106 17.27 1.62 -7.51
N VAL A 107 16.85 0.42 -7.88
CA VAL A 107 17.80 -0.68 -8.08
C VAL A 107 18.74 -0.36 -9.24
N THR A 108 18.22 0.25 -10.31
CA THR A 108 19.07 0.62 -11.44
C THR A 108 20.06 1.72 -11.07
N LEU A 109 19.58 2.75 -10.36
CA LEU A 109 20.46 3.85 -9.98
C LEU A 109 21.55 3.38 -9.02
N ALA A 110 21.19 2.55 -8.03
CA ALA A 110 22.18 2.03 -7.12
C ALA A 110 23.22 1.18 -7.84
N SER A 111 22.80 0.48 -8.90
CA SER A 111 23.71 -0.40 -9.63
C SER A 111 24.74 0.40 -10.42
N HIS A 112 24.38 1.59 -10.90
CA HIS A 112 25.27 2.36 -11.76
C HIS A 112 25.96 3.51 -11.04
N LEU A 113 25.40 4.02 -9.94
CA LEU A 113 25.97 5.12 -9.17
C LEU A 113 26.20 4.69 -7.73
N PRO A 114 27.04 3.68 -7.50
CA PRO A 114 27.18 3.16 -6.13
C PRO A 114 27.75 4.18 -5.15
N SER A 115 28.71 4.99 -5.58
CA SER A 115 29.36 5.94 -4.70
C SER A 115 28.50 7.18 -4.43
N ASP A 116 27.58 7.50 -5.32
CA ASP A 116 26.69 8.64 -5.12
C ASP A 116 25.36 8.22 -4.49
N PHE A 117 25.02 6.93 -4.52
CA PHE A 117 23.75 6.45 -3.99
C PHE A 117 23.86 6.27 -2.48
N THR A 118 24.02 7.41 -1.80
CA THR A 118 24.09 7.42 -0.35
C THR A 118 22.71 7.18 0.25
N PRO A 119 22.65 6.82 1.53
CA PRO A 119 21.33 6.68 2.18
C PRO A 119 20.50 7.96 2.13
N ALA A 120 21.13 9.12 2.30
CA ALA A 120 20.40 10.38 2.21
C ALA A 120 19.83 10.58 0.81
N VAL A 121 20.61 10.23 -0.22
CA VAL A 121 20.12 10.35 -1.59
C VAL A 121 19.08 9.28 -1.87
N HIS A 122 19.32 8.06 -1.40
CA HIS A 122 18.33 6.99 -1.53
C HIS A 122 16.98 7.43 -0.97
N ALA A 123 16.99 8.04 0.22
CA ALA A 123 15.74 8.49 0.83
C ALA A 123 15.12 9.62 0.01
N SER A 124 15.93 10.53 -0.53
CA SER A 124 15.40 11.62 -1.35
C SER A 124 14.83 11.11 -2.65
N LEU A 125 15.55 10.21 -3.33
CA LEU A 125 15.06 9.67 -4.60
C LEU A 125 13.79 8.87 -4.39
N ASP A 126 13.67 8.16 -3.27
CA ASP A 126 12.41 7.42 -3.00
C ASP A 126 11.27 8.41 -2.82
N LYS A 127 11.54 9.55 -2.20
CA LYS A 127 10.48 10.55 -1.93
C LYS A 127 10.13 11.29 -3.23
N PHE A 128 11.12 11.51 -4.09
CA PHE A 128 10.86 12.16 -5.39
C PHE A 128 10.00 11.24 -6.24
N LEU A 129 10.43 10.00 -6.38
CA LEU A 129 9.69 9.05 -7.24
C LEU A 129 8.29 8.85 -6.65
N ALA A 130 8.15 8.95 -5.33
CA ALA A 130 6.81 8.86 -4.75
C ALA A 130 5.96 10.06 -5.11
N ASN A 131 6.55 11.27 -5.12
CA ASN A 131 5.79 12.45 -5.50
C ASN A 131 5.43 12.41 -6.98
N VAL A 132 6.37 12.01 -7.83
CA VAL A 132 6.09 11.88 -9.26
C VAL A 132 4.92 10.93 -9.47
N SER A 133 4.90 9.81 -8.75
CA SER A 133 3.79 8.86 -8.87
C SER A 133 2.48 9.49 -8.44
N THR A 134 2.47 10.12 -7.26
CA THR A 134 1.25 10.77 -6.76
C THR A 134 0.67 11.73 -7.80
N VAL A 135 1.55 12.45 -8.52
CA VAL A 135 1.07 13.36 -9.56
C VAL A 135 0.42 12.57 -10.69
N LEU A 136 1.04 11.45 -11.09
CA LEU A 136 0.52 10.70 -12.23
C LEU A 136 -0.73 9.92 -11.88
N THR A 137 -0.90 9.63 -10.59
CA THR A 137 -2.07 8.86 -10.12
C THR A 137 -3.17 9.83 -9.79
N SER A 138 -2.84 11.10 -9.60
CA SER A 138 -3.88 12.13 -9.35
C SER A 138 -4.84 12.17 -10.53
N LYS A 139 -6.04 12.71 -10.32
CA LYS A 139 -7.02 12.86 -11.42
C LYS A 139 -7.23 11.49 -12.07
N THR B 3 12.37 -22.47 -8.72
CA THR B 3 12.84 -23.56 -9.58
C THR B 3 14.27 -23.95 -9.25
N ALA B 4 14.77 -24.98 -9.93
CA ALA B 4 16.11 -25.49 -9.63
C ALA B 4 17.19 -24.58 -10.22
N GLU B 5 17.00 -24.12 -11.46
CA GLU B 5 18.00 -23.24 -12.06
C GLU B 5 18.01 -21.87 -11.41
N GLU B 6 16.85 -21.38 -10.97
CA GLU B 6 16.81 -20.14 -10.21
C GLU B 6 17.45 -20.32 -8.85
N LYS B 7 17.18 -21.46 -8.20
CA LYS B 7 17.79 -21.75 -6.90
C LYS B 7 19.31 -21.78 -7.00
N ALA B 8 19.85 -22.41 -8.05
CA ALA B 8 21.29 -22.54 -8.18
C ALA B 8 21.97 -21.20 -8.42
N ALA B 9 21.34 -20.33 -9.22
CA ALA B 9 21.92 -19.02 -9.49
C ALA B 9 21.85 -18.14 -8.25
N VAL B 10 20.72 -18.18 -7.52
CA VAL B 10 20.55 -17.36 -6.33
C VAL B 10 21.48 -17.81 -5.21
N THR B 11 21.66 -19.13 -5.05
CA THR B 11 22.57 -19.62 -4.02
C THR B 11 24.03 -19.31 -4.36
N ALA B 12 24.40 -19.45 -5.64
CA ALA B 12 25.78 -19.16 -6.03
C ALA B 12 26.13 -17.69 -5.85
N PHE B 13 25.17 -16.80 -6.12
CA PHE B 13 25.42 -15.37 -5.93
C PHE B 13 25.50 -15.01 -4.45
N TRP B 14 24.82 -15.77 -3.58
CA TRP B 14 24.79 -15.42 -2.17
C TRP B 14 26.11 -15.73 -1.47
N GLY B 15 26.92 -16.64 -2.01
CA GLY B 15 28.21 -16.92 -1.42
C GLY B 15 29.17 -15.76 -1.45
N LYS B 16 28.97 -14.81 -2.37
CA LYS B 16 29.83 -13.64 -2.50
C LYS B 16 29.39 -12.49 -1.59
N VAL B 17 28.21 -12.61 -1.01
CA VAL B 17 27.66 -11.49 -0.19
C VAL B 17 28.29 -11.48 1.20
N LYS B 18 28.81 -10.33 1.60
CA LYS B 18 29.35 -10.20 2.97
C LYS B 18 28.19 -9.75 3.87
N VAL B 19 27.51 -10.70 4.49
CA VAL B 19 26.35 -10.39 5.38
C VAL B 19 26.74 -9.31 6.39
N ASP B 20 28.00 -9.31 6.82
CA ASP B 20 28.48 -8.29 7.80
C ASP B 20 28.07 -6.90 7.36
N GLU B 21 28.51 -6.46 6.19
CA GLU B 21 28.23 -5.07 5.73
C GLU B 21 26.84 -4.97 5.10
N VAL B 22 26.51 -5.85 4.17
CA VAL B 22 25.23 -5.72 3.48
C VAL B 22 24.09 -5.69 4.49
N GLY B 23 24.21 -6.47 5.56
CA GLY B 23 23.17 -6.48 6.58
C GLY B 23 23.04 -5.14 7.29
N GLY B 24 24.18 -4.59 7.74
CA GLY B 24 24.14 -3.31 8.43
C GLY B 24 23.73 -2.16 7.55
N GLU B 25 24.02 -2.25 6.25
CA GLU B 25 23.58 -1.22 5.31
C GLU B 25 22.11 -1.36 4.99
N ALA B 26 21.62 -2.60 4.85
CA ALA B 26 20.21 -2.80 4.53
C ALA B 26 19.31 -2.35 5.67
N LEU B 27 19.68 -2.68 6.91
CA LEU B 27 18.86 -2.25 8.05
C LEU B 27 18.96 -0.75 8.26
N GLY B 28 20.15 -0.18 8.12
CA GLY B 28 20.30 1.26 8.27
C GLY B 28 19.53 2.03 7.22
N ARG B 29 19.60 1.59 5.96
CA ARG B 29 18.85 2.26 4.91
C ARG B 29 17.35 2.15 5.12
N LEU B 30 16.88 1.03 5.67
CA LEU B 30 15.46 0.92 6.02
C LEU B 30 15.06 1.96 7.06
N LEU B 31 15.91 2.16 8.08
CA LEU B 31 15.58 3.12 9.12
C LEU B 31 15.66 4.56 8.62
N VAL B 32 16.49 4.82 7.61
CA VAL B 32 16.61 6.15 7.05
C VAL B 32 15.54 6.43 6.00
N VAL B 33 15.37 5.52 5.05
CA VAL B 33 14.44 5.74 3.94
C VAL B 33 12.98 5.65 4.42
N TYR B 34 12.72 4.86 5.46
CA TYR B 34 11.37 4.66 5.98
C TYR B 34 11.39 4.92 7.47
N PRO B 35 11.40 6.19 7.89
CA PRO B 35 11.72 6.52 9.28
C PRO B 35 10.75 5.96 10.30
N TRP B 36 9.52 5.62 9.91
CA TRP B 36 8.58 5.08 10.89
C TRP B 36 9.02 3.74 11.45
N THR B 37 9.94 3.04 10.77
CA THR B 37 10.48 1.80 11.32
C THR B 37 11.44 2.03 12.47
N GLN B 38 11.92 3.27 12.66
CA GLN B 38 12.70 3.58 13.85
C GLN B 38 11.92 3.34 15.13
N ARG B 39 10.58 3.38 15.05
CA ARG B 39 9.75 3.17 16.22
C ARG B 39 10.06 1.83 16.89
N PHE B 40 10.44 0.83 16.11
CA PHE B 40 10.74 -0.50 16.65
C PHE B 40 12.18 -0.62 17.14
N PHE B 41 13.04 0.37 16.88
CA PHE B 41 14.45 0.30 17.27
C PHE B 41 14.86 1.49 18.11
N GLU B 42 13.94 2.05 18.90
CA GLU B 42 14.27 3.24 19.68
C GLU B 42 15.25 2.94 20.81
N SER B 43 15.32 1.69 21.28
CA SER B 43 16.30 1.33 22.28
C SER B 43 17.71 1.28 21.72
N PHE B 44 17.86 1.22 20.40
CA PHE B 44 19.17 1.18 19.76
C PHE B 44 19.97 2.45 19.98
N GLY B 45 19.33 3.54 20.42
CA GLY B 45 20.03 4.76 20.74
C GLY B 45 19.81 5.88 19.74
N ASP B 46 20.91 6.53 19.35
CA ASP B 46 20.85 7.71 18.48
C ASP B 46 20.49 7.27 17.06
N LEU B 47 19.27 7.61 16.63
CA LEU B 47 18.85 7.44 15.25
C LEU B 47 18.41 8.76 14.64
N SER B 48 18.90 9.88 15.18
CA SER B 48 18.35 11.19 14.82
C SER B 48 18.82 11.65 13.46
N THR B 49 19.99 11.20 13.01
CA THR B 49 20.53 11.60 11.72
C THR B 49 20.82 10.36 10.89
N ALA B 50 21.08 10.59 9.59
CA ALA B 50 21.41 9.49 8.69
C ALA B 50 22.74 8.86 9.08
N ASP B 51 23.76 9.69 9.33
CA ASP B 51 25.06 9.16 9.72
C ASP B 51 24.99 8.41 11.04
N ALA B 52 24.13 8.86 11.97
CA ALA B 52 23.98 8.16 13.24
C ALA B 52 23.40 6.77 13.05
N VAL B 53 22.42 6.64 12.15
CA VAL B 53 21.82 5.34 11.90
C VAL B 53 22.82 4.41 11.23
N MET B 54 23.56 4.91 10.24
CA MET B 54 24.50 4.07 9.50
C MET B 54 25.69 3.67 10.35
N ASN B 55 26.06 4.50 11.34
CA ASN B 55 27.20 4.21 12.21
C ASN B 55 26.78 3.65 13.56
N ASN B 56 25.48 3.47 13.79
CA ASN B 56 25.02 2.92 15.05
C ASN B 56 25.50 1.48 15.20
N PRO B 57 26.24 1.14 16.26
CA PRO B 57 26.76 -0.22 16.39
C PRO B 57 25.68 -1.28 16.53
N LYS B 58 24.57 -0.96 17.19
CA LYS B 58 23.49 -1.94 17.34
C LYS B 58 22.75 -2.18 16.03
N VAL B 59 22.67 -1.16 15.18
CA VAL B 59 22.06 -1.34 13.86
C VAL B 59 22.93 -2.25 13.00
N LYS B 60 24.23 -1.98 12.97
CA LYS B 60 25.14 -2.84 12.22
C LYS B 60 25.12 -4.27 12.77
N ALA B 61 24.99 -4.41 14.09
CA ALA B 61 24.96 -5.74 14.70
C ALA B 61 23.64 -6.44 14.41
N HIS B 62 22.52 -5.73 14.55
CA HIS B 62 21.23 -6.35 14.26
C HIS B 62 21.12 -6.72 12.78
N GLY B 63 21.51 -5.80 11.90
CA GLY B 63 21.44 -6.07 10.47
C GLY B 63 22.18 -7.34 10.07
N LYS B 64 23.26 -7.68 10.78
CA LYS B 64 23.99 -8.93 10.47
C LYS B 64 23.09 -10.13 10.80
N LYS B 65 22.34 -10.04 11.90
CA LYS B 65 21.47 -11.15 12.32
C LYS B 65 20.33 -11.32 11.32
N VAL B 66 19.82 -10.21 10.80
CA VAL B 66 18.66 -10.28 9.86
C VAL B 66 19.11 -11.01 8.59
N LEU B 67 20.30 -10.69 8.11
CA LEU B 67 20.80 -11.33 6.86
C LEU B 67 21.27 -12.76 7.19
N ASP B 68 21.65 -13.01 8.44
CA ASP B 68 21.98 -14.40 8.84
C ASP B 68 20.66 -15.17 8.79
N SER B 69 19.60 -14.59 9.34
CA SER B 69 18.27 -15.23 9.26
C SER B 69 17.93 -15.37 7.77
N PHE B 70 18.30 -14.37 6.97
CA PHE B 70 18.07 -14.50 5.54
C PHE B 70 18.89 -15.63 4.96
N SER B 71 20.15 -15.76 5.36
CA SER B 71 20.99 -16.86 4.89
C SER B 71 20.42 -18.21 5.32
N ASN B 72 19.73 -18.26 6.46
CA ASN B 72 19.14 -19.52 6.90
C ASN B 72 17.95 -19.89 6.01
N GLY B 73 17.14 -18.90 5.64
CA GLY B 73 16.07 -19.14 4.69
C GLY B 73 16.59 -19.54 3.32
N MET B 74 17.80 -19.09 2.97
CA MET B 74 18.40 -19.45 1.68
C MET B 74 18.60 -20.95 1.56
N LYS B 75 18.94 -21.62 2.65
CA LYS B 75 19.15 -23.06 2.66
C LYS B 75 17.85 -23.85 2.80
N HIS B 76 16.71 -23.17 2.87
CA HIS B 76 15.41 -23.83 2.99
C HIS B 76 14.38 -23.10 2.12
N LEU B 77 14.68 -22.99 0.82
CA LEU B 77 13.78 -22.28 -0.08
C LEU B 77 12.50 -23.05 -0.38
N ASP B 78 12.43 -24.34 -0.03
CA ASP B 78 11.22 -25.12 -0.17
C ASP B 78 10.44 -25.24 1.13
N ASP B 79 10.88 -24.58 2.19
CA ASP B 79 10.19 -24.56 3.48
C ASP B 79 10.52 -23.25 4.19
N LEU B 80 10.13 -22.14 3.57
CA LEU B 80 10.34 -20.84 4.21
C LEU B 80 9.37 -20.62 5.35
N LYS B 81 8.16 -21.17 5.24
CA LYS B 81 7.16 -21.01 6.30
C LYS B 81 7.60 -21.65 7.61
N GLY B 82 8.31 -22.77 7.54
CA GLY B 82 8.78 -23.45 8.73
C GLY B 82 10.10 -22.92 9.26
N THR B 83 10.93 -22.38 8.37
CA THR B 83 12.19 -21.79 8.79
C THR B 83 11.96 -20.51 9.59
N PHE B 84 10.94 -19.73 9.22
CA PHE B 84 10.66 -18.45 9.86
C PHE B 84 9.42 -18.50 10.74
N ALA B 85 8.97 -19.70 11.12
CA ALA B 85 7.79 -19.83 11.96
C ALA B 85 7.98 -19.16 13.31
N ALA B 86 9.15 -19.37 13.94
CA ALA B 86 9.44 -18.71 15.20
C ALA B 86 9.57 -17.21 15.02
N LEU B 87 10.29 -16.78 13.97
CA LEU B 87 10.45 -15.35 13.72
C LEU B 87 9.13 -14.69 13.37
N SER B 88 8.23 -15.41 12.69
CA SER B 88 6.92 -14.87 12.40
C SER B 88 6.16 -14.57 13.69
N GLU B 89 6.16 -15.51 14.63
CA GLU B 89 5.49 -15.30 15.90
C GLU B 89 6.07 -14.10 16.64
N LEU B 90 7.39 -13.92 16.56
CA LEU B 90 8.02 -12.79 17.24
C LEU B 90 7.58 -11.46 16.63
N HIS B 91 7.62 -11.36 15.31
CA HIS B 91 7.30 -10.10 14.63
C HIS B 91 5.82 -9.78 14.65
N CYS B 92 4.96 -10.79 14.77
CA CYS B 92 3.51 -10.61 14.71
C CYS B 92 2.87 -10.51 16.09
N ASP B 93 3.20 -11.42 17.00
CA ASP B 93 2.54 -11.46 18.30
C ASP B 93 3.21 -10.59 19.34
N LYS B 94 4.52 -10.36 19.22
CA LYS B 94 5.26 -9.62 20.23
C LYS B 94 5.69 -8.23 19.79
N LEU B 95 6.16 -8.08 18.56
CA LEU B 95 6.64 -6.79 18.08
C LEU B 95 5.56 -5.97 17.38
N HIS B 96 4.55 -6.64 16.82
CA HIS B 96 3.42 -5.98 16.16
C HIS B 96 3.88 -5.18 14.94
N VAL B 97 4.88 -5.70 14.23
CA VAL B 97 5.37 -5.07 13.01
C VAL B 97 4.40 -5.36 11.89
N ASP B 98 3.94 -4.33 11.20
CA ASP B 98 3.02 -4.51 10.09
C ASP B 98 3.71 -5.26 8.97
N PRO B 99 3.06 -6.28 8.37
CA PRO B 99 3.76 -7.10 7.36
C PRO B 99 4.17 -6.32 6.13
N GLU B 100 3.60 -5.14 5.89
CA GLU B 100 4.08 -4.31 4.79
C GLU B 100 5.56 -3.99 4.93
N ASN B 101 6.07 -3.95 6.15
CA ASN B 101 7.46 -3.58 6.38
C ASN B 101 8.43 -4.69 5.97
N PHE B 102 7.99 -5.96 6.07
CA PHE B 102 8.83 -7.04 5.57
C PHE B 102 9.15 -6.86 4.09
N LYS B 103 8.16 -6.43 3.30
CA LYS B 103 8.40 -6.16 1.88
C LYS B 103 9.33 -4.96 1.71
N LEU B 104 9.20 -3.96 2.58
CA LEU B 104 10.08 -2.80 2.50
C LEU B 104 11.53 -3.19 2.74
N LEU B 105 11.77 -3.99 3.78
CA LEU B 105 13.14 -4.43 4.06
C LEU B 105 13.69 -5.28 2.93
N GLY B 106 12.86 -6.19 2.41
CA GLY B 106 13.30 -7.00 1.29
C GLY B 106 13.62 -6.19 0.05
N ASN B 107 12.88 -5.10 -0.19
CA ASN B 107 13.17 -4.26 -1.34
C ASN B 107 14.42 -3.44 -1.11
N VAL B 108 14.65 -2.98 0.13
CA VAL B 108 15.88 -2.26 0.45
C VAL B 108 17.08 -3.19 0.32
N LEU B 109 16.94 -4.45 0.74
CA LEU B 109 18.01 -5.43 0.59
C LEU B 109 18.42 -5.57 -0.87
N VAL B 110 17.43 -5.65 -1.77
CA VAL B 110 17.73 -5.76 -3.20
C VAL B 110 18.50 -4.52 -3.67
N VAL B 111 18.06 -3.33 -3.24
CA VAL B 111 18.78 -2.10 -3.58
C VAL B 111 20.21 -2.16 -3.05
N VAL B 112 20.38 -2.64 -1.81
CA VAL B 112 21.72 -2.74 -1.22
C VAL B 112 22.58 -3.70 -2.03
N LEU B 113 22.00 -4.83 -2.46
CA LEU B 113 22.74 -5.77 -3.30
C LEU B 113 23.12 -5.14 -4.62
N ALA B 114 22.20 -4.35 -5.21
CA ALA B 114 22.49 -3.70 -6.49
C ALA B 114 23.60 -2.66 -6.36
N ARG B 115 23.64 -1.95 -5.23
CA ARG B 115 24.68 -0.95 -5.03
C ARG B 115 26.05 -1.60 -4.80
N ASN B 116 26.08 -2.73 -4.11
CA ASN B 116 27.33 -3.39 -3.73
C ASN B 116 27.86 -4.32 -4.79
N PHE B 117 27.08 -4.65 -5.82
CA PHE B 117 27.54 -5.56 -6.85
C PHE B 117 27.44 -5.00 -8.26
N GLY B 118 26.68 -3.92 -8.48
CA GLY B 118 26.70 -3.25 -9.76
C GLY B 118 26.20 -4.12 -10.88
N LYS B 119 26.98 -4.21 -11.95
CA LYS B 119 26.57 -4.93 -13.14
C LYS B 119 26.34 -6.42 -12.87
N GLU B 120 26.95 -6.96 -11.80
CA GLU B 120 26.74 -8.38 -11.50
C GLU B 120 25.30 -8.67 -11.10
N PHE B 121 24.61 -7.70 -10.49
CA PHE B 121 23.22 -7.87 -10.09
C PHE B 121 22.34 -7.64 -11.31
N THR B 122 22.32 -8.63 -12.19
CA THR B 122 21.62 -8.54 -13.46
C THR B 122 20.11 -8.50 -13.24
N PRO B 123 19.35 -7.99 -14.22
CA PRO B 123 17.89 -8.04 -14.10
C PRO B 123 17.34 -9.43 -13.89
N VAL B 124 17.89 -10.42 -14.60
CA VAL B 124 17.46 -11.81 -14.41
C VAL B 124 17.74 -12.26 -12.98
N LEU B 125 18.93 -11.94 -12.47
CA LEU B 125 19.26 -12.31 -11.10
C LEU B 125 18.43 -11.54 -10.09
N GLN B 126 18.16 -10.26 -10.38
CA GLN B 126 17.31 -9.48 -9.49
C GLN B 126 15.90 -10.06 -9.42
N ALA B 127 15.36 -10.48 -10.57
CA ALA B 127 14.01 -11.04 -10.59
C ALA B 127 13.94 -12.29 -9.72
N ASP B 128 14.97 -13.14 -9.79
CA ASP B 128 15.00 -14.32 -8.94
C ASP B 128 15.05 -13.95 -7.47
N PHE B 129 15.82 -12.91 -7.13
CA PHE B 129 15.92 -12.49 -5.74
C PHE B 129 14.65 -11.83 -5.25
N GLN B 130 13.90 -11.20 -6.15
CA GLN B 130 12.61 -10.64 -5.75
C GLN B 130 11.64 -11.76 -5.35
N LYS B 131 11.77 -12.93 -5.97
CA LYS B 131 10.95 -14.07 -5.57
C LYS B 131 11.29 -14.51 -4.15
N VAL B 132 12.57 -14.47 -3.79
CA VAL B 132 13.00 -14.88 -2.46
C VAL B 132 12.49 -13.90 -1.40
N VAL B 133 12.70 -12.59 -1.63
CA VAL B 133 12.28 -11.61 -0.63
C VAL B 133 10.76 -11.55 -0.53
N ALA B 134 10.05 -11.89 -1.61
CA ALA B 134 8.60 -12.02 -1.51
C ALA B 134 8.22 -13.23 -0.67
N GLY B 135 8.94 -14.34 -0.83
CA GLY B 135 8.69 -15.51 -0.02
C GLY B 135 9.07 -15.31 1.44
N VAL B 136 10.21 -14.66 1.68
CA VAL B 136 10.64 -14.39 3.05
C VAL B 136 9.65 -13.46 3.75
N ALA B 137 9.19 -12.43 3.04
CA ALA B 137 8.21 -11.53 3.63
C ALA B 137 6.89 -12.24 3.91
N ASN B 138 6.49 -13.13 3.00
CA ASN B 138 5.25 -13.88 3.20
C ASN B 138 5.38 -14.88 4.36
N ALA B 139 6.53 -15.55 4.44
CA ALA B 139 6.75 -16.49 5.54
C ALA B 139 6.79 -15.78 6.89
N LEU B 140 7.30 -14.54 6.91
CA LEU B 140 7.33 -13.76 8.15
C LEU B 140 5.97 -13.17 8.49
N ALA B 141 5.08 -13.04 7.51
CA ALA B 141 3.72 -12.58 7.74
C ALA B 141 2.74 -13.73 7.89
N HIS B 142 3.24 -14.96 8.08
CA HIS B 142 2.36 -16.13 8.12
C HIS B 142 1.46 -16.12 9.35
N ARG B 143 1.99 -15.66 10.50
CA ARG B 143 1.21 -15.68 11.74
C ARG B 143 0.07 -14.67 11.74
N TYR B 144 0.11 -13.66 10.88
CA TYR B 144 -1.00 -12.71 10.81
C TYR B 144 -2.24 -13.35 10.19
N HIS B 145 -2.05 -14.29 9.27
CA HIS B 145 -3.16 -14.92 8.56
C HIS B 145 -3.75 -16.09 9.34
N VAL C 1 -4.97 16.44 -5.44
CA VAL C 1 -5.67 17.38 -4.55
C VAL C 1 -7.17 17.27 -4.78
N LEU C 2 -7.95 17.87 -3.89
CA LEU C 2 -9.39 17.81 -3.98
C LEU C 2 -9.93 18.79 -5.00
N SER C 3 -10.91 18.36 -5.79
CA SER C 3 -11.55 19.23 -6.76
C SER C 3 -12.59 20.10 -6.07
N ALA C 4 -13.14 21.05 -6.85
CA ALA C 4 -14.18 21.92 -6.31
C ALA C 4 -15.42 21.12 -5.96
N ALA C 5 -15.75 20.10 -6.77
CA ALA C 5 -16.87 19.22 -6.45
C ALA C 5 -16.54 18.32 -5.27
N ASP C 6 -15.28 17.87 -5.18
CA ASP C 6 -14.85 17.10 -4.01
C ASP C 6 -15.04 17.90 -2.72
N LYS C 7 -14.53 19.14 -2.71
CA LYS C 7 -14.64 19.97 -1.51
C LYS C 7 -16.09 20.21 -1.12
N GLY C 8 -16.97 20.40 -2.11
CA GLY C 8 -18.38 20.60 -1.81
C GLY C 8 -19.01 19.37 -1.19
N ASN C 9 -18.64 18.18 -1.66
CA ASN C 9 -19.19 16.96 -1.08
C ASN C 9 -18.70 16.75 0.34
N VAL C 10 -17.43 17.08 0.60
CA VAL C 10 -16.89 16.96 1.95
C VAL C 10 -17.58 17.92 2.89
N LYS C 11 -17.68 19.19 2.49
CA LYS C 11 -18.33 20.20 3.33
C LYS C 11 -19.79 19.83 3.59
N ALA C 12 -20.47 19.28 2.60
CA ALA C 12 -21.86 18.88 2.79
C ALA C 12 -21.96 17.67 3.71
N ALA C 13 -21.08 16.67 3.52
CA ALA C 13 -21.13 15.48 4.36
C ALA C 13 -20.85 15.81 5.82
N TRP C 14 -19.81 16.62 6.08
CA TRP C 14 -19.49 17.01 7.44
C TRP C 14 -20.59 17.89 8.04
N GLY C 15 -21.31 18.64 7.21
CA GLY C 15 -22.42 19.42 7.71
C GLY C 15 -23.53 18.56 8.28
N LYS C 16 -23.86 17.46 7.59
CA LYS C 16 -24.84 16.52 8.13
C LYS C 16 -24.34 15.84 9.40
N VAL C 17 -23.01 15.70 9.54
CA VAL C 17 -22.46 15.18 10.79
C VAL C 17 -22.76 16.12 11.94
N GLY C 18 -22.38 17.38 11.79
CA GLY C 18 -22.78 18.42 12.74
C GLY C 18 -22.24 18.16 14.13
N GLY C 19 -23.15 18.20 15.11
CA GLY C 19 -22.86 17.95 16.50
C GLY C 19 -22.56 16.51 16.85
N HIS C 20 -22.48 15.61 15.86
CA HIS C 20 -22.13 14.22 16.12
C HIS C 20 -20.67 13.92 15.76
N ALA C 21 -19.89 14.95 15.45
CA ALA C 21 -18.49 14.74 15.07
C ALA C 21 -17.73 13.98 16.14
N ALA C 22 -17.71 14.51 17.37
CA ALA C 22 -17.00 13.85 18.45
C ALA C 22 -17.54 12.45 18.70
N GLU C 23 -18.83 12.24 18.49
CA GLU C 23 -19.43 10.93 18.71
C GLU C 23 -19.02 9.95 17.60
N TYR C 24 -18.96 10.43 16.35
CA TYR C 24 -18.55 9.55 15.25
C TYR C 24 -17.05 9.25 15.31
N GLY C 25 -16.25 10.23 15.72
CA GLY C 25 -14.81 10.01 15.83
C GLY C 25 -14.44 9.00 16.89
N ALA C 26 -15.21 8.92 17.97
CA ALA C 26 -14.97 7.89 18.97
C ALA C 26 -15.36 6.51 18.45
N GLU C 27 -16.46 6.44 17.67
CA GLU C 27 -16.87 5.15 17.11
C GLU C 27 -15.86 4.65 16.09
N ALA C 28 -15.31 5.55 15.27
CA ALA C 28 -14.32 5.15 14.27
C ALA C 28 -13.09 4.55 14.95
N LEU C 29 -12.67 5.12 16.08
CA LEU C 29 -11.56 4.55 16.82
C LEU C 29 -11.91 3.18 17.36
N GLU C 30 -13.09 3.05 17.98
CA GLU C 30 -13.52 1.77 18.51
C GLU C 30 -13.64 0.72 17.40
N ARG C 31 -14.07 1.14 16.21
CA ARG C 31 -14.12 0.22 15.08
C ARG C 31 -12.71 -0.15 14.62
N MET C 32 -11.78 0.80 14.66
CA MET C 32 -10.41 0.52 14.23
C MET C 32 -9.72 -0.44 15.19
N PHE C 33 -9.91 -0.24 16.50
CA PHE C 33 -9.28 -1.12 17.49
C PHE C 33 -9.84 -2.53 17.40
N LEU C 34 -11.14 -2.66 17.11
CA LEU C 34 -11.77 -3.97 17.03
C LEU C 34 -11.42 -4.69 15.73
N SER C 35 -11.39 -3.96 14.61
CA SER C 35 -11.09 -4.58 13.32
C SER C 35 -9.60 -4.78 13.09
N PHE C 36 -8.76 -3.92 13.67
CA PHE C 36 -7.32 -3.93 13.40
C PHE C 36 -6.60 -3.80 14.73
N PRO C 37 -6.47 -4.90 15.47
CA PRO C 37 -5.92 -4.82 16.84
C PRO C 37 -4.47 -4.38 16.89
N THR C 38 -3.73 -4.45 15.77
CA THR C 38 -2.37 -3.93 15.77
C THR C 38 -2.33 -2.43 16.00
N THR C 39 -3.40 -1.72 15.66
CA THR C 39 -3.45 -0.28 15.92
C THR C 39 -3.52 0.04 17.41
N LYS C 40 -3.89 -0.94 18.24
CA LYS C 40 -3.93 -0.71 19.68
C LYS C 40 -2.53 -0.42 20.24
N THR C 41 -1.49 -1.00 19.63
CA THR C 41 -0.14 -0.85 20.16
C THR C 41 0.35 0.59 20.15
N TYR C 42 -0.34 1.47 19.42
CA TYR C 42 -0.03 2.89 19.50
C TYR C 42 -0.63 3.57 20.71
N PHE C 43 -1.60 2.93 21.38
CA PHE C 43 -2.23 3.47 22.57
C PHE C 43 -2.10 2.50 23.73
N PRO C 44 -0.88 2.17 24.16
CA PRO C 44 -0.72 1.27 25.31
C PRO C 44 -1.15 1.92 26.61
N HIS C 45 -1.13 3.24 26.69
CA HIS C 45 -1.52 3.97 27.88
C HIS C 45 -3.02 4.18 27.98
N PHE C 46 -3.77 3.87 26.93
CA PHE C 46 -5.21 4.08 26.91
C PHE C 46 -5.93 2.87 27.49
N ASP C 47 -6.98 3.13 28.27
CA ASP C 47 -8.01 2.12 28.49
C ASP C 47 -8.80 1.97 27.20
N LEU C 48 -8.78 0.77 26.63
CA LEU C 48 -9.39 0.53 25.32
C LEU C 48 -10.69 -0.25 25.41
N SER C 49 -11.25 -0.41 26.62
CA SER C 49 -12.53 -1.08 26.76
C SER C 49 -13.63 -0.27 26.08
N HIS C 50 -14.73 -0.95 25.79
CA HIS C 50 -15.86 -0.29 25.14
C HIS C 50 -16.44 0.77 26.09
N GLY C 51 -16.68 1.97 25.55
CA GLY C 51 -17.16 3.06 26.36
C GLY C 51 -16.10 3.75 27.19
N SER C 52 -14.83 3.61 26.82
CA SER C 52 -13.74 4.20 27.59
C SER C 52 -13.74 5.72 27.48
N ALA C 53 -13.48 6.39 28.60
CA ALA C 53 -13.39 7.84 28.60
C ALA C 53 -12.21 8.33 27.77
N GLN C 54 -11.11 7.56 27.73
CA GLN C 54 -9.96 7.93 26.91
C GLN C 54 -10.28 7.83 25.43
N VAL C 55 -10.92 6.74 25.00
CA VAL C 55 -11.28 6.58 23.60
C VAL C 55 -12.32 7.63 23.20
N LYS C 56 -13.27 7.91 24.09
CA LYS C 56 -14.26 8.96 23.83
C LYS C 56 -13.59 10.32 23.67
N GLY C 57 -12.66 10.65 24.57
CA GLY C 57 -12.01 11.94 24.49
C GLY C 57 -11.13 12.09 23.27
N HIS C 58 -10.36 11.05 22.95
CA HIS C 58 -9.46 11.15 21.80
C HIS C 58 -10.24 11.23 20.49
N GLY C 59 -11.37 10.52 20.40
CA GLY C 59 -12.20 10.63 19.21
C GLY C 59 -12.72 12.05 19.00
N ALA C 60 -12.98 12.78 20.09
CA ALA C 60 -13.35 14.18 19.97
C ALA C 60 -12.19 15.02 19.47
N LYS C 61 -10.97 14.71 19.92
CA LYS C 61 -9.80 15.41 19.41
C LYS C 61 -9.57 15.08 17.94
N VAL C 62 -9.76 13.82 17.55
CA VAL C 62 -9.63 13.44 16.15
C VAL C 62 -10.68 14.16 15.32
N ALA C 63 -11.93 14.15 15.78
CA ALA C 63 -13.01 14.80 15.04
C ALA C 63 -12.78 16.30 14.92
N ALA C 64 -12.26 16.93 15.98
CA ALA C 64 -11.94 18.36 15.91
C ALA C 64 -10.84 18.62 14.89
N ALA C 65 -9.87 17.73 14.78
CA ALA C 65 -8.81 17.91 13.79
C ALA C 65 -9.36 17.75 12.37
N LEU C 66 -10.28 16.81 12.17
CA LEU C 66 -10.92 16.68 10.87
C LEU C 66 -11.76 17.90 10.55
N THR C 67 -12.48 18.42 11.56
CA THR C 67 -13.26 19.64 11.34
C THR C 67 -12.37 20.80 10.93
N LYS C 68 -11.22 20.97 11.59
CA LYS C 68 -10.29 22.01 11.18
C LYS C 68 -9.77 21.78 9.77
N ALA C 69 -9.67 20.51 9.35
CA ALA C 69 -9.20 20.22 8.00
C ALA C 69 -10.28 20.53 6.96
N VAL C 70 -11.55 20.22 7.28
CA VAL C 70 -12.64 20.52 6.35
C VAL C 70 -12.77 22.03 6.16
N GLU C 71 -12.61 22.80 7.24
CA GLU C 71 -12.70 24.25 7.15
C GLU C 71 -11.48 24.87 6.50
N HIS C 72 -10.39 24.12 6.35
CA HIS C 72 -9.16 24.61 5.74
C HIS C 72 -8.74 23.70 4.58
N LEU C 73 -9.70 23.35 3.73
CA LEU C 73 -9.42 22.41 2.64
C LEU C 73 -8.39 22.95 1.65
N ASP C 74 -8.30 24.26 1.52
CA ASP C 74 -7.35 24.87 0.59
C ASP C 74 -5.92 24.90 1.12
N ASP C 75 -5.72 24.64 2.41
CA ASP C 75 -4.38 24.62 3.01
C ASP C 75 -4.34 23.55 4.10
N LEU C 76 -4.41 22.29 3.69
CA LEU C 76 -4.29 21.18 4.63
C LEU C 76 -2.88 21.09 5.24
N PRO C 77 -1.80 21.28 4.45
CA PRO C 77 -0.47 21.27 5.08
C PRO C 77 -0.30 22.28 6.20
N GLY C 78 -0.87 23.48 6.05
CA GLY C 78 -0.75 24.49 7.09
C GLY C 78 -1.65 24.24 8.28
N ALA C 79 -2.87 23.77 8.02
CA ALA C 79 -3.82 23.56 9.09
C ALA C 79 -3.44 22.38 9.97
N LEU C 80 -2.73 21.39 9.41
CA LEU C 80 -2.33 20.21 10.16
C LEU C 80 -0.82 20.09 10.28
N SER C 81 -0.10 21.21 10.18
CA SER C 81 1.36 21.16 10.27
C SER C 81 1.82 20.65 11.64
N GLU C 82 1.12 21.05 12.70
CA GLU C 82 1.49 20.60 14.04
C GLU C 82 1.20 19.11 14.21
N LEU C 83 0.08 18.63 13.69
CA LEU C 83 -0.24 17.21 13.79
C LEU C 83 0.66 16.37 12.91
N SER C 84 1.15 16.93 11.80
CA SER C 84 2.06 16.19 10.94
C SER C 84 3.38 15.93 11.65
N ASP C 85 3.86 16.92 12.42
CA ASP C 85 5.08 16.71 13.21
C ASP C 85 4.87 15.67 14.30
N LEU C 86 3.71 15.69 14.95
CA LEU C 86 3.46 14.78 16.06
C LEU C 86 3.37 13.33 15.57
N HIS C 87 2.69 13.09 14.46
CA HIS C 87 2.49 11.74 13.99
C HIS C 87 3.72 11.16 13.32
N ALA C 88 4.46 11.98 12.58
CA ALA C 88 5.60 11.47 11.82
C ALA C 88 6.88 11.44 12.64
N HIS C 89 7.15 12.49 13.41
CA HIS C 89 8.40 12.57 14.17
C HIS C 89 8.26 11.98 15.58
N LYS C 90 7.26 12.44 16.33
CA LYS C 90 7.11 12.03 17.73
C LYS C 90 6.58 10.60 17.84
N LEU C 91 5.44 10.32 17.21
CA LEU C 91 4.80 9.02 17.33
C LEU C 91 5.32 8.01 16.33
N ARG C 92 5.71 8.46 15.13
CA ARG C 92 6.20 7.59 14.06
C ARG C 92 5.19 6.49 13.75
N VAL C 93 3.98 6.93 13.39
CA VAL C 93 2.90 6.02 13.08
C VAL C 93 3.13 5.41 11.70
N ASP C 94 3.05 4.09 11.61
CA ASP C 94 3.17 3.41 10.34
C ASP C 94 2.10 3.90 9.38
N PRO C 95 2.48 4.33 8.17
CA PRO C 95 1.47 4.93 7.26
C PRO C 95 0.35 3.99 6.86
N VAL C 96 0.52 2.68 7.00
CA VAL C 96 -0.59 1.78 6.70
C VAL C 96 -1.74 2.01 7.67
N ASN C 97 -1.44 2.46 8.89
CA ASN C 97 -2.50 2.63 9.89
C ASN C 97 -3.48 3.72 9.49
N PHE C 98 -3.03 4.73 8.76
CA PHE C 98 -3.96 5.78 8.36
C PHE C 98 -5.03 5.26 7.41
N LYS C 99 -4.67 4.25 6.59
CA LYS C 99 -5.68 3.62 5.74
C LYS C 99 -6.73 2.90 6.57
N LEU C 100 -6.33 2.30 7.69
CA LEU C 100 -7.28 1.61 8.55
C LEU C 100 -8.22 2.59 9.25
N LEU C 101 -7.69 3.73 9.71
CA LEU C 101 -8.53 4.72 10.37
C LEU C 101 -9.48 5.38 9.36
N SER C 102 -8.97 5.69 8.16
CA SER C 102 -9.84 6.24 7.12
C SER C 102 -10.98 5.27 6.79
N HIS C 103 -10.65 4.00 6.64
CA HIS C 103 -11.69 3.00 6.38
C HIS C 103 -12.68 2.94 7.52
N SER C 104 -12.19 2.98 8.76
CA SER C 104 -13.09 2.98 9.91
C SER C 104 -14.00 4.21 9.91
N LEU C 105 -13.45 5.36 9.53
CA LEU C 105 -14.27 6.57 9.45
C LEU C 105 -15.34 6.44 8.37
N LEU C 106 -14.97 5.87 7.21
CA LEU C 106 -15.95 5.69 6.14
C LEU C 106 -17.07 4.76 6.57
N VAL C 107 -16.74 3.70 7.32
CA VAL C 107 -17.77 2.78 7.81
C VAL C 107 -18.67 3.48 8.82
N THR C 108 -18.08 4.29 9.70
CA THR C 108 -18.88 5.02 10.68
C THR C 108 -19.82 6.01 10.00
N LEU C 109 -19.31 6.75 9.01
CA LEU C 109 -20.16 7.74 8.34
C LEU C 109 -21.24 7.08 7.51
N ALA C 110 -20.90 6.01 6.79
CA ALA C 110 -21.90 5.30 5.99
C ALA C 110 -23.00 4.74 6.87
N SER C 111 -22.65 4.27 8.07
CA SER C 111 -23.65 3.70 8.97
C SER C 111 -24.62 4.75 9.48
N HIS C 112 -24.15 5.98 9.69
CA HIS C 112 -24.98 7.02 10.29
C HIS C 112 -25.65 7.93 9.27
N LEU C 113 -25.12 8.02 8.04
CA LEU C 113 -25.67 8.88 7.01
C LEU C 113 -25.93 8.08 5.73
N PRO C 114 -26.81 7.09 5.78
CA PRO C 114 -26.96 6.21 4.62
C PRO C 114 -27.47 6.91 3.37
N SER C 115 -28.48 7.78 3.51
CA SER C 115 -29.05 8.44 2.34
C SER C 115 -28.09 9.46 1.73
N ASP C 116 -27.24 10.07 2.55
CA ASP C 116 -26.29 11.06 2.06
C ASP C 116 -24.97 10.47 1.62
N PHE C 117 -24.67 9.23 2.03
CA PHE C 117 -23.41 8.57 1.67
C PHE C 117 -23.54 7.96 0.28
N THR C 118 -23.66 8.84 -0.70
CA THR C 118 -23.74 8.48 -2.11
C THR C 118 -22.37 8.02 -2.61
N PRO C 119 -22.33 7.32 -3.76
CA PRO C 119 -21.02 7.00 -4.35
C PRO C 119 -20.14 8.23 -4.60
N ALA C 120 -20.74 9.34 -5.04
CA ALA C 120 -19.97 10.55 -5.25
C ALA C 120 -19.36 11.07 -3.94
N VAL C 121 -20.17 11.11 -2.88
CA VAL C 121 -19.65 11.56 -1.58
C VAL C 121 -18.65 10.55 -1.03
N HIS C 122 -18.93 9.25 -1.22
CA HIS C 122 -17.98 8.21 -0.83
C HIS C 122 -16.62 8.46 -1.47
N ALA C 123 -16.60 8.71 -2.79
CA ALA C 123 -15.35 8.98 -3.48
C ALA C 123 -14.68 10.25 -2.97
N SER C 124 -15.46 11.28 -2.64
CA SER C 124 -14.88 12.53 -2.17
C SER C 124 -14.28 12.38 -0.78
N LEU C 125 -15.01 11.73 0.13
CA LEU C 125 -14.52 11.55 1.49
C LEU C 125 -13.27 10.68 1.51
N ASP C 126 -13.22 9.65 0.66
CA ASP C 126 -12.02 8.84 0.57
C ASP C 126 -10.84 9.64 0.05
N LYS C 127 -11.06 10.44 -0.99
CA LYS C 127 -10.00 11.34 -1.47
C LYS C 127 -9.59 12.33 -0.40
N PHE C 128 -10.56 12.79 0.40
CA PHE C 128 -10.26 13.74 1.47
C PHE C 128 -9.47 13.07 2.60
N LEU C 129 -9.93 11.90 3.04
CA LEU C 129 -9.29 11.24 4.20
C LEU C 129 -7.87 10.81 3.81
N ALA C 130 -7.59 10.74 2.52
CA ALA C 130 -6.26 10.31 2.04
C ALA C 130 -5.32 11.50 2.00
N ASN C 131 -5.86 12.67 1.69
CA ASN C 131 -5.04 13.90 1.67
C ASN C 131 -4.61 14.20 3.11
N VAL C 132 -5.55 14.14 4.03
CA VAL C 132 -5.21 14.33 5.46
C VAL C 132 -4.10 13.32 5.82
N SER C 133 -4.23 12.06 5.38
CA SER C 133 -3.19 11.09 5.73
C SER C 133 -1.85 11.49 5.14
N THR C 134 -1.83 11.94 3.89
CA THR C 134 -0.58 12.34 3.26
C THR C 134 0.03 13.53 3.98
N VAL C 135 -0.79 14.48 4.40
CA VAL C 135 -0.28 15.65 5.13
C VAL C 135 0.39 15.22 6.42
N LEU C 136 -0.24 14.28 7.13
CA LEU C 136 0.26 13.86 8.46
C LEU C 136 1.43 12.88 8.30
N THR C 137 1.60 12.33 7.12
CA THR C 137 2.71 11.39 6.87
C THR C 137 3.78 12.16 6.15
N SER C 138 3.52 13.43 5.87
CA SER C 138 4.58 14.28 5.30
C SER C 138 5.53 14.61 6.44
N LYS C 139 6.64 15.27 6.16
CA LYS C 139 7.65 15.55 7.22
C LYS C 139 8.18 14.20 7.72
N TYR C 140 8.19 13.19 6.85
CA TYR C 140 8.79 11.88 7.22
C TYR C 140 10.16 11.84 6.57
N LEU D 2 -11.88 -17.51 12.34
CA LEU D 2 -13.21 -17.26 12.90
C LEU D 2 -13.52 -18.25 14.01
N THR D 3 -13.79 -17.75 15.21
CA THR D 3 -14.20 -18.62 16.30
C THR D 3 -15.64 -19.09 16.06
N ALA D 4 -16.09 -20.03 16.89
CA ALA D 4 -17.45 -20.54 16.76
C ALA D 4 -18.47 -19.43 16.98
N GLU D 5 -18.25 -18.59 18.00
CA GLU D 5 -19.19 -17.51 18.28
C GLU D 5 -19.15 -16.46 17.18
N GLU D 6 -17.96 -16.10 16.71
CA GLU D 6 -17.85 -15.15 15.60
C GLU D 6 -18.45 -15.73 14.33
N LYS D 7 -18.20 -17.01 14.05
CA LYS D 7 -18.77 -17.67 12.88
C LYS D 7 -20.29 -17.71 12.96
N ALA D 8 -20.83 -17.90 14.15
CA ALA D 8 -22.29 -17.96 14.29
C ALA D 8 -22.93 -16.58 14.10
N ALA D 9 -22.21 -15.52 14.46
CA ALA D 9 -22.76 -14.17 14.30
C ALA D 9 -22.72 -13.71 12.85
N VAL D 10 -21.64 -14.05 12.14
CA VAL D 10 -21.51 -13.62 10.75
C VAL D 10 -22.50 -14.36 9.86
N THR D 11 -22.70 -15.66 10.11
CA THR D 11 -23.62 -16.42 9.29
C THR D 11 -25.07 -15.98 9.52
N ALA D 12 -25.43 -15.67 10.76
CA ALA D 12 -26.78 -15.21 11.05
C ALA D 12 -27.05 -13.84 10.43
N PHE D 13 -26.05 -12.96 10.44
CA PHE D 13 -26.22 -11.65 9.82
C PHE D 13 -26.29 -11.78 8.30
N TRP D 14 -25.53 -12.71 7.73
CA TRP D 14 -25.54 -12.89 6.27
C TRP D 14 -26.90 -13.32 5.75
N GLY D 15 -27.75 -13.89 6.62
CA GLY D 15 -29.10 -14.25 6.21
C GLY D 15 -29.98 -13.07 5.89
N LYS D 16 -29.62 -11.87 6.37
CA LYS D 16 -30.38 -10.67 6.08
C LYS D 16 -29.91 -9.94 4.83
N VAL D 17 -28.73 -10.29 4.31
CA VAL D 17 -28.12 -9.52 3.22
C VAL D 17 -28.83 -9.82 1.92
N LYS D 18 -29.38 -8.77 1.29
CA LYS D 18 -29.89 -8.85 -0.07
C LYS D 18 -28.68 -8.84 -0.98
N VAL D 19 -28.25 -10.02 -1.43
CA VAL D 19 -26.99 -10.15 -2.14
C VAL D 19 -27.02 -9.40 -3.47
N ASP D 20 -28.16 -9.41 -4.15
CA ASP D 20 -28.25 -8.75 -5.46
C ASP D 20 -28.04 -7.25 -5.34
N GLU D 21 -28.66 -6.61 -4.34
CA GLU D 21 -28.51 -5.17 -4.18
C GLU D 21 -27.13 -4.83 -3.65
N VAL D 22 -26.69 -5.53 -2.59
CA VAL D 22 -25.40 -5.23 -1.97
C VAL D 22 -24.25 -5.51 -2.94
N GLY D 23 -24.38 -6.57 -3.75
CA GLY D 23 -23.31 -6.94 -4.65
C GLY D 23 -23.13 -5.93 -5.77
N GLY D 24 -24.23 -5.50 -6.39
CA GLY D 24 -24.15 -4.47 -7.41
C GLY D 24 -23.67 -3.14 -6.86
N GLU D 25 -24.05 -2.80 -5.63
CA GLU D 25 -23.61 -1.54 -5.04
C GLU D 25 -22.13 -1.60 -4.68
N ALA D 26 -21.65 -2.74 -4.19
CA ALA D 26 -20.24 -2.86 -3.83
C ALA D 26 -19.35 -2.74 -5.05
N LEU D 27 -19.66 -3.51 -6.11
CA LEU D 27 -18.85 -3.45 -7.32
C LEU D 27 -18.96 -2.08 -8.00
N GLY D 28 -20.14 -1.46 -7.94
CA GLY D 28 -20.29 -0.13 -8.48
C GLY D 28 -19.48 0.91 -7.72
N ARG D 29 -19.52 0.85 -6.38
CA ARG D 29 -18.75 1.79 -5.58
C ARG D 29 -17.25 1.60 -5.75
N LEU D 30 -16.81 0.35 -5.93
CA LEU D 30 -15.40 0.10 -6.19
C LEU D 30 -14.96 0.76 -7.50
N LEU D 31 -15.83 0.75 -8.51
CA LEU D 31 -15.49 1.35 -9.80
C LEU D 31 -15.51 2.87 -9.74
N VAL D 32 -16.30 3.44 -8.83
CA VAL D 32 -16.41 4.90 -8.72
C VAL D 32 -15.32 5.47 -7.83
N VAL D 33 -15.02 4.80 -6.71
CA VAL D 33 -14.05 5.31 -5.74
C VAL D 33 -12.62 5.04 -6.21
N TYR D 34 -12.38 3.89 -6.84
CA TYR D 34 -11.06 3.47 -7.27
C TYR D 34 -11.10 3.26 -8.79
N PRO D 35 -11.06 4.36 -9.56
CA PRO D 35 -11.40 4.25 -11.00
C PRO D 35 -10.44 3.40 -11.81
N TRP D 36 -9.23 3.12 -11.31
CA TRP D 36 -8.32 2.26 -12.07
C TRP D 36 -8.82 0.83 -12.19
N THR D 37 -9.81 0.44 -11.37
CA THR D 37 -10.39 -0.89 -11.50
C THR D 37 -11.29 -1.03 -12.72
N GLN D 38 -11.76 0.09 -13.28
CA GLN D 38 -12.55 0.04 -14.50
C GLN D 38 -11.78 -0.58 -15.65
N ARG D 39 -10.45 -0.59 -15.57
CA ARG D 39 -9.62 -1.20 -16.62
C ARG D 39 -10.01 -2.65 -16.85
N PHE D 40 -10.37 -3.37 -15.78
CA PHE D 40 -10.75 -4.77 -15.90
C PHE D 40 -12.19 -4.97 -16.34
N PHE D 41 -13.01 -3.92 -16.33
CA PHE D 41 -14.41 -4.03 -16.69
C PHE D 41 -14.79 -3.04 -17.80
N GLU D 42 -13.84 -2.72 -18.67
CA GLU D 42 -14.14 -1.81 -19.78
C GLU D 42 -15.07 -2.45 -20.80
N SER D 43 -15.25 -3.78 -20.76
CA SER D 43 -16.22 -4.44 -21.62
C SER D 43 -17.65 -4.18 -21.19
N PHE D 44 -17.86 -3.72 -19.95
CA PHE D 44 -19.20 -3.54 -19.41
C PHE D 44 -19.94 -2.37 -20.02
N GLY D 45 -19.26 -1.50 -20.76
CA GLY D 45 -19.93 -0.43 -21.47
C GLY D 45 -19.62 0.95 -20.94
N ASP D 46 -20.67 1.71 -20.62
CA ASP D 46 -20.51 3.09 -20.19
C ASP D 46 -20.24 3.15 -18.69
N LEU D 47 -19.00 3.52 -18.34
CA LEU D 47 -18.62 3.79 -16.95
C LEU D 47 -18.14 5.23 -16.79
N SER D 48 -18.56 6.13 -17.69
CA SER D 48 -18.00 7.47 -17.78
C SER D 48 -18.40 8.36 -16.61
N THR D 49 -19.47 8.04 -15.90
CA THR D 49 -19.91 8.82 -14.77
C THR D 49 -20.36 7.87 -13.66
N ALA D 50 -20.56 8.44 -12.47
CA ALA D 50 -20.94 7.62 -11.32
C ALA D 50 -22.30 6.97 -11.54
N ASP D 51 -23.29 7.75 -11.98
CA ASP D 51 -24.62 7.19 -12.18
C ASP D 51 -24.62 6.13 -13.28
N ALA D 52 -23.77 6.27 -14.29
CA ALA D 52 -23.67 5.22 -15.31
C ALA D 52 -23.14 3.92 -14.73
N VAL D 53 -22.15 4.01 -13.84
CA VAL D 53 -21.58 2.81 -13.23
C VAL D 53 -22.60 2.12 -12.33
N MET D 54 -23.30 2.91 -11.52
CA MET D 54 -24.23 2.32 -10.55
C MET D 54 -25.49 1.79 -11.22
N ASN D 55 -25.83 2.32 -12.40
CA ASN D 55 -26.99 1.84 -13.13
C ASN D 55 -26.62 0.96 -14.31
N ASN D 56 -25.33 0.69 -14.51
CA ASN D 56 -24.90 -0.22 -15.56
C ASN D 56 -25.41 -1.62 -15.25
N PRO D 57 -26.18 -2.25 -16.15
CA PRO D 57 -26.76 -3.55 -15.83
C PRO D 57 -25.74 -4.66 -15.68
N LYS D 58 -24.58 -4.56 -16.34
CA LYS D 58 -23.57 -5.60 -16.21
C LYS D 58 -22.81 -5.50 -14.91
N VAL D 59 -22.72 -4.29 -14.32
CA VAL D 59 -22.07 -4.13 -13.02
C VAL D 59 -22.94 -4.73 -11.92
N LYS D 60 -24.25 -4.50 -11.98
CA LYS D 60 -25.15 -5.11 -11.02
C LYS D 60 -25.16 -6.63 -11.15
N ALA D 61 -25.01 -7.13 -12.38
CA ALA D 61 -25.00 -8.58 -12.59
C ALA D 61 -23.70 -9.20 -12.11
N HIS D 62 -22.57 -8.54 -12.34
CA HIS D 62 -21.27 -9.15 -11.95
C HIS D 62 -21.09 -9.07 -10.43
N GLY D 63 -21.74 -8.09 -9.81
CA GLY D 63 -21.62 -7.94 -8.36
C GLY D 63 -22.37 -9.03 -7.65
N LYS D 64 -23.51 -9.43 -8.18
CA LYS D 64 -24.25 -10.57 -7.60
C LYS D 64 -23.36 -11.81 -7.68
N LYS D 65 -22.62 -11.93 -8.77
CA LYS D 65 -21.74 -13.11 -8.95
C LYS D 65 -20.60 -13.05 -7.93
N VAL D 66 -20.08 -11.86 -7.66
CA VAL D 66 -18.95 -11.71 -6.71
C VAL D 66 -19.47 -12.00 -5.29
N LEU D 67 -20.70 -11.61 -5.00
CA LEU D 67 -21.22 -11.82 -3.62
C LEU D 67 -21.72 -13.26 -3.47
N ASP D 68 -22.12 -13.89 -4.58
CA ASP D 68 -22.51 -15.33 -4.51
C ASP D 68 -21.23 -16.09 -4.21
N SER D 69 -20.15 -15.76 -4.93
CA SER D 69 -18.84 -16.37 -4.62
C SER D 69 -18.52 -16.07 -3.16
N PHE D 70 -18.83 -14.86 -2.72
CA PHE D 70 -18.64 -14.56 -1.30
C PHE D 70 -19.51 -15.46 -0.43
N SER D 71 -20.77 -15.66 -0.83
CA SER D 71 -21.67 -16.51 -0.06
C SER D 71 -21.20 -17.96 -0.06
N ASN D 72 -20.66 -18.42 -1.19
CA ASN D 72 -20.10 -19.77 -1.24
C ASN D 72 -18.92 -19.88 -0.29
N GLY D 73 -18.09 -18.84 -0.21
CA GLY D 73 -17.03 -18.82 0.79
C GLY D 73 -17.56 -18.76 2.20
N MET D 74 -18.76 -18.20 2.39
CA MET D 74 -19.36 -18.14 3.72
C MET D 74 -19.79 -19.52 4.23
N LYS D 75 -19.88 -20.51 3.35
CA LYS D 75 -20.18 -21.88 3.76
C LYS D 75 -18.93 -22.70 4.04
N HIS D 76 -17.75 -22.17 3.75
CA HIS D 76 -16.49 -22.91 3.89
C HIS D 76 -15.45 -22.03 4.58
N LEU D 77 -15.76 -21.58 5.80
CA LEU D 77 -14.86 -20.71 6.55
C LEU D 77 -13.60 -21.42 7.03
N ASP D 78 -13.55 -22.74 6.99
CA ASP D 78 -12.37 -23.50 7.35
C ASP D 78 -11.58 -23.96 6.14
N ASP D 79 -11.96 -23.52 4.94
CA ASP D 79 -11.24 -23.89 3.72
C ASP D 79 -11.43 -22.81 2.66
N LEU D 80 -10.95 -21.60 2.92
CA LEU D 80 -11.03 -20.55 1.92
C LEU D 80 -10.03 -20.75 0.79
N LYS D 81 -8.86 -21.32 1.10
CA LYS D 81 -7.82 -21.47 0.10
C LYS D 81 -8.24 -22.44 -1.01
N GLY D 82 -9.04 -23.44 -0.69
CA GLY D 82 -9.49 -24.40 -1.67
C GLY D 82 -10.77 -23.98 -2.36
N THR D 83 -11.64 -23.28 -1.63
CA THR D 83 -12.88 -22.77 -2.23
C THR D 83 -12.59 -21.74 -3.31
N PHE D 84 -11.53 -20.96 -3.16
CA PHE D 84 -11.17 -19.92 -4.11
C PHE D 84 -9.92 -20.27 -4.90
N ALA D 85 -9.43 -21.50 -4.81
CA ALA D 85 -8.22 -21.88 -5.53
C ALA D 85 -8.39 -21.67 -7.03
N ALA D 86 -9.52 -22.13 -7.59
CA ALA D 86 -9.79 -21.92 -9.01
C ALA D 86 -9.92 -20.43 -9.33
N LEU D 87 -10.66 -19.69 -8.50
CA LEU D 87 -10.82 -18.27 -8.74
C LEU D 87 -9.53 -17.50 -8.54
N SER D 88 -8.65 -17.98 -7.67
CA SER D 88 -7.38 -17.27 -7.41
C SER D 88 -6.52 -17.29 -8.67
N GLU D 89 -6.57 -18.40 -9.42
CA GLU D 89 -5.70 -18.54 -10.61
C GLU D 89 -6.29 -17.74 -11.77
N LEU D 90 -7.61 -17.67 -11.85
CA LEU D 90 -8.27 -16.85 -12.91
C LEU D 90 -7.81 -15.39 -12.74
N HIS D 91 -8.00 -14.82 -11.55
CA HIS D 91 -7.64 -13.40 -11.31
C HIS D 91 -6.14 -13.19 -11.44
N CYS D 92 -5.33 -14.25 -11.24
CA CYS D 92 -3.88 -14.06 -11.28
C CYS D 92 -3.35 -14.30 -12.69
N ASP D 93 -3.42 -15.56 -13.14
CA ASP D 93 -2.76 -15.96 -14.37
C ASP D 93 -3.50 -15.50 -15.63
N LYS D 94 -4.79 -15.24 -15.54
CA LYS D 94 -5.59 -14.88 -16.71
C LYS D 94 -6.09 -13.45 -16.69
N LEU D 95 -6.48 -12.92 -15.52
CA LEU D 95 -6.98 -11.55 -15.43
C LEU D 95 -5.95 -10.56 -14.93
N HIS D 96 -4.90 -11.03 -14.25
CA HIS D 96 -3.79 -10.17 -13.82
C HIS D 96 -4.27 -9.03 -12.93
N VAL D 97 -5.23 -9.31 -12.06
CA VAL D 97 -5.71 -8.35 -11.09
C VAL D 97 -4.74 -8.34 -9.91
N ASP D 98 -4.20 -7.16 -9.60
CA ASP D 98 -3.28 -7.07 -8.47
C ASP D 98 -4.02 -7.44 -7.19
N PRO D 99 -3.41 -8.24 -6.31
CA PRO D 99 -4.12 -8.68 -5.10
C PRO D 99 -4.48 -7.55 -4.16
N GLU D 100 -3.88 -6.37 -4.32
CA GLU D 100 -4.29 -5.22 -3.50
C GLU D 100 -5.77 -4.89 -3.70
N ASN D 101 -6.29 -5.14 -4.90
CA ASN D 101 -7.68 -4.79 -5.18
C ASN D 101 -8.68 -5.72 -4.50
N PHE D 102 -8.26 -6.94 -4.17
CA PHE D 102 -9.15 -7.84 -3.43
C PHE D 102 -9.53 -7.23 -2.08
N LYS D 103 -8.55 -6.73 -1.33
CA LYS D 103 -8.85 -6.07 -0.07
C LYS D 103 -9.60 -4.77 -0.29
N LEU D 104 -9.35 -4.08 -1.40
CA LEU D 104 -10.10 -2.86 -1.70
C LEU D 104 -11.58 -3.15 -1.89
N LEU D 105 -11.91 -4.23 -2.63
CA LEU D 105 -13.31 -4.60 -2.80
C LEU D 105 -13.90 -5.13 -1.50
N GLY D 106 -13.12 -5.91 -0.74
CA GLY D 106 -13.60 -6.39 0.54
C GLY D 106 -13.91 -5.26 1.51
N ASN D 107 -13.14 -4.19 1.47
CA ASN D 107 -13.41 -3.05 2.34
C ASN D 107 -14.61 -2.25 1.87
N VAL D 108 -14.77 -2.08 0.55
CA VAL D 108 -15.96 -1.40 0.04
C VAL D 108 -17.21 -2.17 0.41
N LEU D 109 -17.16 -3.50 0.35
CA LEU D 109 -18.29 -4.31 0.77
C LEU D 109 -18.67 -4.03 2.22
N VAL D 110 -17.67 -3.85 3.08
CA VAL D 110 -17.97 -3.54 4.48
C VAL D 110 -18.68 -2.21 4.60
N VAL D 111 -18.17 -1.19 3.91
CA VAL D 111 -18.84 0.12 3.89
C VAL D 111 -20.25 -0.02 3.36
N VAL D 112 -20.44 -0.85 2.33
CA VAL D 112 -21.78 -1.05 1.77
C VAL D 112 -22.69 -1.72 2.78
N LEU D 113 -22.16 -2.72 3.51
CA LEU D 113 -22.96 -3.37 4.55
C LEU D 113 -23.33 -2.37 5.65
N ALA D 114 -22.40 -1.49 6.02
CA ALA D 114 -22.68 -0.50 7.05
C ALA D 114 -23.79 0.47 6.61
N ARG D 115 -23.69 0.98 5.38
CA ARG D 115 -24.72 1.87 4.87
C ARG D 115 -26.06 1.18 4.75
N ASN D 116 -26.07 -0.12 4.45
CA ASN D 116 -27.31 -0.84 4.19
C ASN D 116 -27.97 -1.35 5.46
N PHE D 117 -27.25 -1.42 6.58
CA PHE D 117 -27.79 -1.97 7.82
C PHE D 117 -27.68 -1.02 9.01
N GLY D 118 -26.85 0.03 8.93
CA GLY D 118 -26.88 1.06 9.94
C GLY D 118 -26.46 0.58 11.31
N LYS D 119 -27.31 0.85 12.31
CA LYS D 119 -26.98 0.58 13.70
C LYS D 119 -26.79 -0.90 13.98
N GLU D 120 -27.40 -1.79 13.18
CA GLU D 120 -27.22 -3.22 13.40
C GLU D 120 -25.87 -3.72 12.94
N PHE D 121 -25.14 -2.94 12.14
CA PHE D 121 -23.76 -3.28 11.78
C PHE D 121 -22.82 -2.74 12.85
N THR D 122 -22.87 -3.39 14.01
CA THR D 122 -22.12 -2.95 15.16
C THR D 122 -20.61 -3.08 14.93
N PRO D 123 -19.80 -2.34 15.68
CA PRO D 123 -18.33 -2.51 15.55
C PRO D 123 -17.87 -3.93 15.79
N VAL D 124 -18.49 -4.63 16.74
CA VAL D 124 -18.13 -6.02 17.00
C VAL D 124 -18.43 -6.88 15.77
N LEU D 125 -19.60 -6.68 15.17
CA LEU D 125 -19.95 -7.44 13.97
C LEU D 125 -19.06 -7.04 12.79
N GLN D 126 -18.71 -5.76 12.69
CA GLN D 126 -17.84 -5.32 11.60
C GLN D 126 -16.47 -5.97 11.69
N ALA D 127 -15.91 -6.05 12.91
CA ALA D 127 -14.62 -6.71 13.09
C ALA D 127 -14.67 -8.16 12.61
N ASP D 128 -15.76 -8.86 12.91
CA ASP D 128 -15.92 -10.23 12.41
C ASP D 128 -15.95 -10.25 10.89
N PHE D 129 -16.66 -9.30 10.28
CA PHE D 129 -16.69 -9.25 8.82
C PHE D 129 -15.37 -8.79 8.23
N GLN D 130 -14.61 -7.97 8.97
CA GLN D 130 -13.27 -7.61 8.51
C GLN D 130 -12.36 -8.83 8.51
N LYS D 131 -12.62 -9.81 9.37
CA LYS D 131 -11.86 -11.05 9.33
C LYS D 131 -12.18 -11.85 8.07
N VAL D 132 -13.46 -11.87 7.67
CA VAL D 132 -13.87 -12.68 6.53
C VAL D 132 -13.34 -12.09 5.23
N VAL D 133 -13.49 -10.78 5.04
CA VAL D 133 -12.98 -10.18 3.82
C VAL D 133 -11.46 -10.30 3.77
N ALA D 134 -10.80 -10.27 4.92
CA ALA D 134 -9.36 -10.51 4.93
C ALA D 134 -9.03 -11.93 4.48
N GLY D 135 -9.76 -12.92 5.00
CA GLY D 135 -9.52 -14.29 4.59
C GLY D 135 -9.86 -14.54 3.14
N VAL D 136 -10.94 -13.93 2.65
CA VAL D 136 -11.32 -14.08 1.25
C VAL D 136 -10.30 -13.42 0.35
N ALA D 137 -9.84 -12.22 0.70
CA ALA D 137 -8.83 -11.54 -0.11
C ALA D 137 -7.54 -12.33 -0.14
N ASN D 138 -7.17 -12.95 0.98
CA ASN D 138 -5.94 -13.74 1.02
C ASN D 138 -6.08 -15.02 0.21
N ALA D 139 -7.22 -15.70 0.32
CA ALA D 139 -7.45 -16.92 -0.46
C ALA D 139 -7.42 -16.63 -1.96
N LEU D 140 -7.88 -15.45 -2.38
CA LEU D 140 -7.82 -15.09 -3.79
C LEU D 140 -6.41 -14.74 -4.23
N ALA D 141 -5.56 -14.30 -3.31
CA ALA D 141 -4.16 -13.99 -3.61
C ALA D 141 -3.23 -15.15 -3.36
N HIS D 142 -3.76 -16.36 -3.19
CA HIS D 142 -2.92 -17.51 -2.84
C HIS D 142 -2.10 -17.99 -4.03
N ARG D 143 -2.63 -17.87 -5.25
CA ARG D 143 -1.93 -18.36 -6.44
C ARG D 143 -0.94 -17.35 -7.00
N TYR D 144 -0.75 -16.20 -6.35
CA TYR D 144 0.31 -15.29 -6.72
C TYR D 144 1.63 -15.63 -6.05
N HIS D 145 1.57 -16.13 -4.82
CA HIS D 145 2.77 -16.41 -4.03
C HIS D 145 3.19 -17.87 -4.16
CHA HEM E . 3.48 5.94 -21.53
CHB HEM E . 6.15 8.18 -18.13
CHC HEM E . 4.82 4.86 -14.85
CHD HEM E . 2.54 2.38 -18.35
C1A HEM E . 4.35 6.81 -20.91
C2A HEM E . 5.09 7.89 -21.54
C3A HEM E . 5.83 8.49 -20.61
C4A HEM E . 5.58 7.83 -19.33
CMA HEM E . 6.77 9.70 -20.82
CAA HEM E . 5.04 8.26 -23.04
CBA HEM E . 3.96 9.30 -23.29
CGA HEM E . 3.89 9.59 -24.76
O1A HEM E . 2.95 10.32 -25.19
O2A HEM E . 4.77 9.11 -25.52
C1B HEM E . 6.04 7.48 -16.95
C2B HEM E . 6.67 7.82 -15.68
C3B HEM E . 6.31 6.91 -14.77
C4B HEM E . 5.43 5.97 -15.43
CMB HEM E . 7.60 9.05 -15.52
CAB HEM E . 6.71 6.80 -13.27
CBB HEM E . 7.52 7.65 -12.62
C1C HEM E . 4.15 3.87 -15.53
C2C HEM E . 3.81 2.56 -15.00
C3C HEM E . 3.17 1.89 -15.97
C4C HEM E . 3.12 2.74 -17.15
CMC HEM E . 4.12 2.10 -13.57
CAC HEM E . 2.59 0.45 -15.98
CBC HEM E . 2.94 -0.50 -15.12
C1D HEM E . 2.60 3.10 -19.52
C2D HEM E . 2.07 2.70 -20.81
C3D HEM E . 2.33 3.67 -21.68
C4D HEM E . 3.03 4.74 -20.99
CMD HEM E . 1.35 1.37 -21.11
CAD HEM E . 1.94 3.65 -23.18
CBD HEM E . 3.20 3.65 -24.04
CGD HEM E . 2.83 3.30 -25.46
O1D HEM E . 1.69 2.84 -25.68
O2D HEM E . 3.70 3.47 -26.36
NA HEM E . 4.68 6.81 -19.56
NB HEM E . 5.28 6.35 -16.74
NC HEM E . 3.72 3.93 -16.84
ND HEM E . 3.17 4.36 -19.67
FE HEM E . 4.30 5.30 -18.23
CHA HEM F . 14.48 -9.11 15.71
CHB HEM F . 14.96 -11.17 11.33
CHC HEM F . 12.21 -7.67 9.37
CHD HEM F . 11.93 -5.50 13.71
C1A HEM F . 14.88 -9.95 14.69
C2A HEM F . 15.79 -11.07 14.82
C3A HEM F . 15.93 -11.63 13.61
C4A HEM F . 15.10 -10.91 12.67
CMA HEM F . 16.80 -12.85 13.27
CAA HEM F . 16.50 -11.53 16.11
CBA HEM F . 15.48 -12.18 17.06
CGA HEM F . 16.16 -12.55 18.36
O1A HEM F . 15.57 -13.32 19.15
O2A HEM F . 17.30 -12.06 18.59
C1B HEM F . 14.26 -10.42 10.40
C2B HEM F . 14.12 -10.71 9.00
C3B HEM F . 13.36 -9.75 8.44
C4B HEM F . 12.99 -8.82 9.49
CMB HEM F . 14.75 -11.91 8.25
CAB HEM F . 13.00 -9.71 6.93
CBB HEM F . 12.16 -8.81 6.40
C1C HEM F . 11.93 -6.75 10.36
C2C HEM F . 11.26 -5.47 10.18
C3C HEM F . 11.18 -4.87 11.38
C4C HEM F . 11.80 -5.74 12.35
CMC HEM F . 10.75 -4.95 8.81
CAC HEM F . 10.57 -3.49 11.77
CBC HEM F . 10.03 -2.62 10.92
C1D HEM F . 12.61 -6.26 14.63
C2D HEM F . 12.81 -5.95 16.02
C3D HEM F . 13.52 -6.95 16.58
C4D HEM F . 13.79 -7.93 15.55
CMD HEM F . 12.30 -4.68 16.73
CAD HEM F . 13.98 -7.05 18.05
CBD HEM F . 15.16 -6.12 18.29
CGD HEM F . 15.53 -6.12 19.74
O1D HEM F . 15.94 -5.05 20.26
O2D HEM F . 15.43 -7.19 20.39
NA HEM F . 14.47 -9.88 13.37
NB HEM F . 13.55 -9.26 10.68
NC HEM F . 12.24 -6.87 11.69
ND HEM F . 13.22 -7.48 14.37
FE HEM F . 13.36 -8.35 12.51
CHA HEM G . -2.78 12.01 18.91
CHB HEM G . -5.45 13.43 15.11
CHC HEM G . -4.38 9.29 12.80
CHD HEM G . -2.07 7.71 16.77
C1A HEM G . -3.62 12.74 18.10
C2A HEM G . -4.26 13.99 18.44
C3A HEM G . -5.00 14.39 17.40
C4A HEM G . -4.86 13.40 16.35
CMA HEM G . -5.85 15.67 17.33
CAA HEM G . -4.11 14.73 19.80
CBA HEM G . -3.07 15.84 19.68
CGA HEM G . -3.04 16.64 20.95
O1A HEM G . -2.38 17.72 20.96
O2A HEM G . -3.67 16.22 21.94
C1B HEM G . -5.41 12.43 14.16
C2B HEM G . -6.08 12.45 12.88
C3B HEM G . -5.78 11.30 12.24
C4B HEM G . -4.91 10.53 13.09
CMB HEM G . -6.98 13.62 12.43
CAB HEM G . -6.25 10.80 10.84
CBB HEM G . -7.08 11.45 10.03
C1C HEM G . -3.74 8.46 13.71
C2C HEM G . -3.51 7.04 13.55
C3C HEM G . -2.85 6.61 14.66
C4C HEM G . -2.68 7.74 15.53
CMC HEM G . -3.93 6.24 12.30
CAC HEM G . -2.35 5.20 15.05
CBC HEM G . -2.71 4.08 14.42
C1D HEM G . -2.08 8.72 17.69
C2D HEM G . -1.55 8.64 19.04
C3D HEM G . -1.74 9.82 19.64
C4D HEM G . -2.40 10.69 18.69
CMD HEM G . -0.89 7.40 19.67
CAD HEM G . -1.34 10.18 21.09
CBD HEM G . -2.61 10.39 21.91
CGD HEM G . -2.26 10.63 23.35
O1D HEM G . -1.09 10.43 23.73
O2D HEM G . -3.18 11.03 24.13
NA HEM G . -4.01 12.41 16.81
NB HEM G . -4.69 11.25 14.25
NC HEM G . -3.23 8.86 14.92
ND HEM G . -2.58 9.99 17.52
FE HEM G . -3.72 10.57 15.93
CHA HEM H . -14.69 -12.67 -12.55
CHB HEM H . -15.21 -13.37 -7.76
CHC HEM H . -12.44 -9.47 -6.88
CHD HEM H . -12.05 -8.70 -11.65
C1A HEM H . -15.11 -13.19 -11.34
C2A HEM H . -16.00 -14.33 -11.14
C3A HEM H . -16.14 -14.51 -9.82
C4A HEM H . -15.33 -13.52 -9.13
CMA HEM H . -17.01 -15.60 -9.16
CAA HEM H . -16.70 -15.17 -12.21
CBA HEM H . -17.66 -14.32 -13.03
CGA HEM H . -18.47 -15.20 -13.95
O1A HEM H . -18.12 -16.40 -14.08
O2A HEM H . -19.44 -14.70 -14.57
C1B HEM H . -14.51 -12.38 -7.09
C2B HEM H . -14.44 -12.20 -5.65
C3B HEM H . -13.67 -11.12 -5.42
C4B HEM H . -13.24 -10.58 -6.70
CMB HEM H . -15.15 -13.13 -4.64
CAB HEM H . -13.26 -10.47 -4.07
CBB HEM H . -13.68 -10.89 -2.86
C1C HEM H . -12.14 -8.88 -8.09
C2C HEM H . -11.51 -7.58 -8.28
C3C HEM H . -11.40 -7.36 -9.60
C4C HEM H . -11.96 -8.51 -10.29
CMC HEM H . -11.06 -6.67 -7.11
CAC HEM H . -10.81 -6.16 -10.37
CBC HEM H . -10.33 -5.04 -9.81
C1D HEM H . -12.76 -9.67 -12.32
C2D HEM H . -13.01 -9.74 -13.74
C3D HEM H . -13.74 -10.83 -13.99
C4D HEM H . -13.98 -11.50 -12.73
CMD HEM H . -12.51 -8.72 -14.78
CAD HEM H . -14.25 -11.32 -15.37
CBD HEM H . -15.38 -10.44 -15.88
CGD HEM H . -16.13 -11.17 -16.96
O1D HEM H . -16.58 -10.51 -17.94
O2D HEM H . -16.29 -12.42 -16.85
NA HEM H . -14.72 -12.74 -10.10
NB HEM H . -13.78 -11.38 -7.69
NC HEM H . -12.40 -9.41 -9.33
ND HEM H . -13.37 -10.76 -11.73
FE HEM H . -13.60 -11.04 -9.71
#